data_7XWT
#
_entry.id   7XWT
#
_cell.length_a   131.793
_cell.length_b   131.793
_cell.length_c   124.290
_cell.angle_alpha   90.000
_cell.angle_beta   90.000
_cell.angle_gamma   120.000
#
_symmetry.space_group_name_H-M   'H 3 2'
#
loop_
_entity.id
_entity.type
_entity.pdbx_description
1 polymer 'Feruloyl-CoA hydratase/lyase'
2 non-polymer 'ACETYL COENZYME *A'
3 water water
#
_entity_poly.entity_id   1
_entity_poly.type   'polypeptide(L)'
_entity_poly.pdbx_seq_one_letter_code
;MSEENKPVEREEDTVRYEIVNNVAWVYYNRPTKRNAQSPKLNRQMLKVLTELEFRDDVGVLVLGGEGPAWCAGMDLKEYF
RETEAEGLAGTRKAQREAYTWWERLRWYQKPTIAMVHGWCFGGAYGPLFACDLAFAADEAQFGLSEVNWGILPGGGATKV
AVDLMPMRVAMYHAMMGENLSGQDAARYNLVNESMPADQLKARVKQVAETLIQKNWATVKYTKDAVRRVKEMTYDNAEDY
LIRLQEGLNWFDKSDGRHVAMKQFLDDKTFKPGLGHYDKTKTEVLEHHHHHH
;
_entity_poly.pdbx_strand_id   B
#
loop_
_chem_comp.id
_chem_comp.type
_chem_comp.name
_chem_comp.formula
ACO non-polymer 'ACETYL COENZYME *A' 'C23 H38 N7 O17 P3 S'
#
# COMPACT_ATOMS: atom_id res chain seq x y z
N VAL A 8 7.91 17.46 -12.27
CA VAL A 8 6.91 18.49 -11.97
C VAL A 8 7.64 19.62 -11.22
N GLU A 9 7.86 20.76 -11.89
CA GLU A 9 8.85 21.81 -11.56
C GLU A 9 9.24 21.74 -10.08
N ARG A 10 8.39 22.09 -9.10
CA ARG A 10 8.91 22.12 -7.69
C ARG A 10 8.78 20.75 -7.02
N GLU A 11 9.80 20.29 -6.31
CA GLU A 11 9.82 18.95 -5.64
C GLU A 11 8.65 18.85 -4.65
N GLU A 12 8.43 19.89 -3.84
CA GLU A 12 7.37 19.88 -2.79
C GLU A 12 5.97 19.85 -3.43
N ASP A 13 5.84 20.14 -4.72
CA ASP A 13 4.51 20.06 -5.38
C ASP A 13 4.21 18.66 -5.95
N THR A 14 5.17 17.72 -5.97
CA THR A 14 5.01 16.41 -6.68
C THR A 14 4.06 15.47 -5.90
N VAL A 15 3.79 15.76 -4.63
CA VAL A 15 2.91 14.98 -3.74
C VAL A 15 2.02 15.97 -2.97
N ARG A 16 0.74 15.67 -2.80
CA ARG A 16 -0.13 16.45 -1.91
C ARG A 16 -0.81 15.48 -0.93
N TYR A 17 -1.32 15.98 0.18
CA TYR A 17 -2.16 15.18 1.09
C TYR A 17 -3.19 16.06 1.80
N GLU A 18 -4.28 15.42 2.24
CA GLU A 18 -5.32 15.96 3.16
C GLU A 18 -5.50 14.94 4.29
N ILE A 19 -5.73 15.43 5.51
CA ILE A 19 -6.17 14.63 6.69
C ILE A 19 -7.67 14.83 6.85
N VAL A 20 -8.43 13.75 6.75
CA VAL A 20 -9.89 13.75 6.94
C VAL A 20 -10.24 12.54 7.81
N ASN A 21 -10.84 12.83 8.97
CA ASN A 21 -11.35 11.83 9.93
C ASN A 21 -10.26 10.80 10.23
N ASN A 22 -9.06 11.29 10.52
CA ASN A 22 -7.87 10.47 10.91
C ASN A 22 -7.33 9.59 9.76
N VAL A 23 -7.75 9.81 8.51
CA VAL A 23 -7.16 9.17 7.29
C VAL A 23 -6.29 10.20 6.56
N ALA A 24 -4.99 9.92 6.38
CA ALA A 24 -4.12 10.72 5.47
C ALA A 24 -4.37 10.29 4.03
N TRP A 25 -5.09 11.12 3.25
CA TRP A 25 -5.29 10.94 1.79
C TRP A 25 -4.11 11.55 1.04
N VAL A 26 -3.15 10.70 0.66
CA VAL A 26 -1.91 11.09 -0.06
C VAL A 26 -2.10 10.82 -1.55
N TYR A 27 -1.71 11.78 -2.37
CA TYR A 27 -1.86 11.70 -3.84
C TYR A 27 -0.51 11.99 -4.50
N TYR A 28 -0.11 11.09 -5.39
CA TYR A 28 0.82 11.45 -6.49
C TYR A 28 0.27 12.71 -7.15
N ASN A 29 1.12 13.72 -7.31
CA ASN A 29 0.62 15.04 -7.81
C ASN A 29 1.45 15.52 -8.99
N ARG A 30 1.57 14.71 -10.04
CA ARG A 30 2.12 15.14 -11.35
C ARG A 30 1.11 14.76 -12.40
N PRO A 31 -0.12 15.25 -12.27
CA PRO A 31 -1.20 14.75 -13.13
C PRO A 31 -0.90 14.82 -14.65
N THR A 32 -0.24 15.90 -15.08
CA THR A 32 -0.01 16.16 -16.54
C THR A 32 1.12 15.25 -17.04
N LYS A 33 1.90 14.66 -16.14
CA LYS A 33 2.92 13.62 -16.43
C LYS A 33 2.44 12.22 -16.00
N ARG A 34 1.14 12.04 -15.84
CA ARG A 34 0.51 10.76 -15.42
C ARG A 34 1.18 10.20 -14.15
N ASN A 35 1.67 11.07 -13.25
CA ASN A 35 2.11 10.71 -11.87
C ASN A 35 3.34 9.82 -11.97
N ALA A 36 4.11 10.00 -13.04
CA ALA A 36 5.36 9.25 -13.23
C ALA A 36 6.29 9.53 -12.07
N GLN A 37 7.05 8.50 -11.64
CA GLN A 37 7.93 8.57 -10.47
C GLN A 37 9.27 9.13 -10.93
N SER A 38 9.44 10.43 -10.77
CA SER A 38 10.72 11.18 -10.92
C SER A 38 11.44 11.16 -9.60
N PRO A 39 12.77 11.38 -9.60
CA PRO A 39 13.52 11.53 -8.36
C PRO A 39 12.93 12.57 -7.39
N LYS A 40 12.49 13.73 -7.90
CA LYS A 40 11.74 14.72 -7.10
C LYS A 40 10.55 14.06 -6.39
N LEU A 41 9.68 13.39 -7.11
CA LEU A 41 8.52 12.74 -6.46
C LEU A 41 9.00 11.69 -5.46
N ASN A 42 10.05 10.91 -5.79
CA ASN A 42 10.52 9.80 -4.92
C ASN A 42 11.03 10.38 -3.59
N ARG A 43 11.74 11.49 -3.61
CA ARG A 43 12.25 12.16 -2.39
C ARG A 43 11.06 12.77 -1.62
N GLN A 44 10.15 13.43 -2.31
CA GLN A 44 9.04 14.16 -1.64
C GLN A 44 8.08 13.11 -1.03
N MET A 45 7.85 11.98 -1.73
CA MET A 45 6.94 10.93 -1.23
C MET A 45 7.54 10.37 0.06
N LEU A 46 8.84 10.12 0.12
CA LEU A 46 9.45 9.64 1.38
C LEU A 46 9.23 10.67 2.49
N LYS A 47 9.45 11.94 2.18
CA LYS A 47 9.35 13.02 3.20
C LYS A 47 7.92 13.05 3.76
N VAL A 48 6.94 13.09 2.88
CA VAL A 48 5.52 13.10 3.31
C VAL A 48 5.23 11.83 4.12
N LEU A 49 5.60 10.62 3.66
CA LEU A 49 5.29 9.36 4.38
C LEU A 49 5.96 9.42 5.74
N THR A 50 7.18 9.94 5.80
CA THR A 50 7.96 9.94 7.06
C THR A 50 7.25 10.87 8.03
N GLU A 51 6.76 12.02 7.59
CA GLU A 51 6.18 12.98 8.58
C GLU A 51 4.79 12.50 9.00
N LEU A 52 3.99 11.84 8.15
CA LEU A 52 2.63 11.37 8.56
C LEU A 52 2.68 10.12 9.46
N GLU A 53 3.73 9.30 9.43
CA GLU A 53 3.70 7.88 9.90
C GLU A 53 3.28 7.80 11.37
N PHE A 54 3.90 8.57 12.27
CA PHE A 54 3.73 8.42 13.74
C PHE A 54 2.83 9.54 14.32
N ARG A 55 1.99 10.14 13.49
CA ARG A 55 0.98 11.12 13.96
C ARG A 55 -0.12 10.34 14.67
N ASP A 56 -0.40 10.70 15.91
CA ASP A 56 -1.44 10.03 16.73
C ASP A 56 -2.81 10.31 16.10
N ASP A 57 -2.92 11.24 15.16
CA ASP A 57 -4.25 11.48 14.52
C ASP A 57 -4.29 10.87 13.12
N VAL A 58 -3.26 10.12 12.71
CA VAL A 58 -3.30 9.39 11.42
C VAL A 58 -3.37 7.88 11.70
N GLY A 59 -4.54 7.32 11.43
CA GLY A 59 -4.86 5.90 11.66
C GLY A 59 -4.63 5.04 10.42
N VAL A 60 -4.81 5.63 9.23
CA VAL A 60 -4.81 4.95 7.91
C VAL A 60 -4.19 5.93 6.92
N LEU A 61 -3.44 5.42 5.94
CA LEU A 61 -2.94 6.20 4.80
C LEU A 61 -3.50 5.58 3.52
N VAL A 62 -4.18 6.39 2.72
CA VAL A 62 -4.63 6.03 1.37
C VAL A 62 -3.68 6.67 0.35
N LEU A 63 -3.21 5.89 -0.62
CA LEU A 63 -2.37 6.38 -1.74
C LEU A 63 -3.22 6.44 -3.00
N GLY A 64 -3.54 7.63 -3.46
CA GLY A 64 -4.29 7.86 -4.72
C GLY A 64 -3.45 8.66 -5.70
N GLY A 65 -4.03 9.06 -6.82
CA GLY A 65 -3.32 9.89 -7.81
C GLY A 65 -4.24 10.99 -8.34
N GLU A 66 -3.67 12.15 -8.65
CA GLU A 66 -4.37 13.27 -9.34
C GLU A 66 -4.37 13.01 -10.84
N GLY A 67 -5.46 13.40 -11.51
CA GLY A 67 -5.55 13.27 -12.95
C GLY A 67 -5.95 11.86 -13.33
N PRO A 68 -5.83 11.51 -14.62
CA PRO A 68 -6.35 10.24 -15.11
C PRO A 68 -5.50 9.02 -14.75
N ALA A 69 -4.23 9.19 -14.40
CA ALA A 69 -3.39 8.07 -13.88
C ALA A 69 -3.45 8.00 -12.34
N TRP A 70 -3.35 6.75 -11.84
CA TRP A 70 -2.87 6.49 -10.48
C TRP A 70 -1.37 6.75 -10.53
N CYS A 71 -0.61 5.87 -11.18
CA CYS A 71 0.85 6.05 -11.39
C CYS A 71 1.31 5.33 -12.67
N ALA A 72 1.88 6.05 -13.62
CA ALA A 72 2.23 5.44 -14.94
C ALA A 72 3.66 4.94 -14.88
N GLY A 73 4.19 4.68 -13.70
CA GLY A 73 5.52 4.05 -13.58
C GLY A 73 6.61 5.02 -13.30
N MET A 74 7.85 4.62 -13.55
CA MET A 74 9.00 5.51 -13.43
C MET A 74 8.96 6.55 -14.57
N ASP A 75 9.51 7.72 -14.28
CA ASP A 75 9.67 8.80 -15.26
C ASP A 75 10.82 8.43 -16.22
N LEU A 76 10.47 8.08 -17.47
CA LEU A 76 11.44 7.66 -18.51
C LEU A 76 12.45 8.79 -18.72
N LYS A 77 12.04 10.06 -18.57
CA LYS A 77 12.95 11.22 -18.73
C LYS A 77 13.80 11.43 -17.47
N GLU A 78 13.19 11.68 -16.31
CA GLU A 78 13.90 12.17 -15.10
C GLU A 78 14.46 11.02 -14.28
N TYR A 79 13.86 9.84 -14.32
CA TYR A 79 14.33 8.70 -13.49
C TYR A 79 15.37 7.90 -14.26
N PHE A 80 15.12 7.65 -15.55
CA PHE A 80 16.01 6.85 -16.44
C PHE A 80 16.98 7.77 -17.22
N ARG A 81 16.51 8.51 -18.23
CA ARG A 81 17.43 9.21 -19.19
C ARG A 81 18.40 10.15 -18.45
N GLU A 82 17.88 11.01 -17.56
CA GLU A 82 18.69 12.10 -16.96
C GLU A 82 19.69 11.48 -16.00
N THR A 83 19.31 10.39 -15.31
CA THR A 83 20.24 9.75 -14.31
C THR A 83 21.30 8.93 -15.04
N GLU A 84 20.97 8.26 -16.16
CA GLU A 84 21.96 7.48 -16.95
C GLU A 84 23.06 8.45 -17.39
N ALA A 85 22.69 9.68 -17.72
CA ALA A 85 23.63 10.74 -18.16
C ALA A 85 24.63 11.09 -17.04
N GLU A 86 24.30 10.97 -15.75
CA GLU A 86 25.29 11.15 -14.65
C GLU A 86 25.98 9.82 -14.29
N GLY A 87 25.82 8.77 -15.09
CA GLY A 87 26.54 7.50 -14.86
C GLY A 87 25.98 6.67 -13.70
N LEU A 88 26.74 5.66 -13.28
CA LEU A 88 26.38 4.67 -12.24
C LEU A 88 25.95 5.41 -10.97
N ALA A 89 26.75 6.37 -10.50
CA ALA A 89 26.48 7.18 -9.29
C ALA A 89 25.06 7.74 -9.34
N GLY A 90 24.66 8.30 -10.49
CA GLY A 90 23.33 8.91 -10.66
C GLY A 90 22.24 7.86 -10.68
N THR A 91 22.47 6.74 -11.35
CA THR A 91 21.57 5.57 -11.43
C THR A 91 21.31 5.00 -10.03
N ARG A 92 22.36 4.81 -9.23
CA ARG A 92 22.26 4.20 -7.88
C ARG A 92 21.52 5.15 -6.94
N LYS A 93 21.81 6.45 -6.98
CA LYS A 93 21.13 7.45 -6.15
C LYS A 93 19.63 7.39 -6.47
N ALA A 94 19.28 7.41 -7.75
CA ALA A 94 17.86 7.42 -8.21
C ALA A 94 17.14 6.13 -7.78
N GLN A 95 17.83 4.99 -7.85
CA GLN A 95 17.26 3.66 -7.53
C GLN A 95 16.99 3.63 -6.04
N ARG A 96 17.98 4.00 -5.24
CA ARG A 96 17.83 4.04 -3.77
C ARG A 96 16.66 4.96 -3.37
N GLU A 97 16.42 6.05 -4.09
CA GLU A 97 15.34 6.96 -3.67
C GLU A 97 14.00 6.25 -3.89
N ALA A 98 13.85 5.57 -5.03
CA ALA A 98 12.58 4.87 -5.37
C ALA A 98 12.39 3.69 -4.41
N TYR A 99 13.36 2.77 -4.30
CA TYR A 99 13.25 1.58 -3.45
C TYR A 99 12.96 1.99 -2.00
N THR A 100 13.61 3.03 -1.47
CA THR A 100 13.49 3.42 -0.04
C THR A 100 12.06 3.83 0.26
N TRP A 101 11.39 4.57 -0.60
CA TRP A 101 10.01 4.98 -0.22
C TRP A 101 9.03 3.83 -0.37
N TRP A 102 9.19 2.96 -1.36
CA TRP A 102 8.33 1.74 -1.48
C TRP A 102 8.46 0.88 -0.21
N GLU A 103 9.66 0.75 0.32
CA GLU A 103 9.90 -0.03 1.54
C GLU A 103 9.29 0.67 2.76
N ARG A 104 9.42 2.00 2.88
CA ARG A 104 8.84 2.77 4.01
C ARG A 104 7.33 2.54 3.99
N LEU A 105 6.74 2.54 2.80
CA LEU A 105 5.26 2.32 2.67
C LEU A 105 4.93 0.86 3.02
N ARG A 106 5.78 -0.09 2.65
CA ARG A 106 5.47 -1.55 2.74
C ARG A 106 5.40 -1.93 4.22
N TRP A 107 6.31 -1.39 5.04
CA TRP A 107 6.39 -1.62 6.49
C TRP A 107 5.83 -0.45 7.32
N TYR A 108 4.89 0.31 6.79
CA TYR A 108 4.38 1.53 7.44
C TYR A 108 3.72 1.18 8.78
N GLN A 109 3.87 2.07 9.77
CA GLN A 109 3.33 1.86 11.12
C GLN A 109 1.81 1.74 11.01
N LYS A 110 1.23 2.43 10.04
CA LYS A 110 -0.25 2.49 9.89
C LYS A 110 -0.70 1.64 8.72
N PRO A 111 -1.93 1.09 8.75
CA PRO A 111 -2.46 0.42 7.58
C PRO A 111 -2.52 1.33 6.35
N THR A 112 -2.20 0.78 5.20
CA THR A 112 -2.16 1.49 3.90
C THR A 112 -3.14 0.89 2.92
N ILE A 113 -3.75 1.76 2.10
CA ILE A 113 -4.73 1.39 1.05
C ILE A 113 -4.36 2.08 -0.26
N ALA A 114 -4.29 1.32 -1.35
CA ALA A 114 -4.11 1.87 -2.71
C ALA A 114 -5.50 2.17 -3.23
N MET A 115 -5.72 3.41 -3.64
CA MET A 115 -7.00 3.79 -4.33
C MET A 115 -6.66 4.02 -5.81
N VAL A 116 -6.84 2.98 -6.64
CA VAL A 116 -6.36 2.97 -8.04
C VAL A 116 -7.55 3.22 -8.97
N HIS A 117 -7.70 4.46 -9.39
CA HIS A 117 -8.86 4.92 -10.19
C HIS A 117 -8.51 4.79 -11.67
N GLY A 118 -7.23 4.74 -12.03
CA GLY A 118 -6.77 4.88 -13.43
C GLY A 118 -5.53 4.05 -13.74
N TRP A 119 -4.65 4.56 -14.60
CA TRP A 119 -3.45 3.88 -15.13
C TRP A 119 -2.57 3.47 -13.96
N CYS A 120 -2.14 2.21 -13.97
CA CYS A 120 -1.13 1.68 -13.02
C CYS A 120 -0.14 0.84 -13.83
N PHE A 121 1.10 1.31 -14.05
CA PHE A 121 2.07 0.69 -14.97
C PHE A 121 3.42 0.47 -14.29
N GLY A 122 3.96 -0.70 -14.56
CA GLY A 122 5.40 -0.94 -14.34
C GLY A 122 5.81 -0.70 -12.91
N GLY A 123 6.74 0.22 -12.70
CA GLY A 123 7.34 0.59 -11.41
C GLY A 123 6.34 1.18 -10.43
N ALA A 124 5.08 1.38 -10.84
CA ALA A 124 3.94 1.60 -9.89
C ALA A 124 3.55 0.32 -9.10
N TYR A 125 4.03 -0.86 -9.50
CA TYR A 125 3.68 -2.17 -8.88
C TYR A 125 4.31 -2.23 -7.49
N GLY A 126 5.50 -1.69 -7.32
CA GLY A 126 6.13 -1.64 -5.98
C GLY A 126 5.24 -0.92 -4.98
N PRO A 127 4.87 0.35 -5.24
CA PRO A 127 3.94 1.06 -4.36
C PRO A 127 2.60 0.33 -4.26
N LEU A 128 2.07 -0.25 -5.35
CA LEU A 128 0.79 -1.03 -5.31
C LEU A 128 0.86 -2.18 -4.30
N PHE A 129 1.96 -2.91 -4.30
CA PHE A 129 2.20 -4.07 -3.40
C PHE A 129 2.46 -3.57 -1.97
N ALA A 130 3.10 -2.41 -1.84
CA ALA A 130 3.52 -1.83 -0.55
C ALA A 130 2.29 -1.36 0.25
N CYS A 131 1.20 -1.07 -0.43
CA CYS A 131 -0.08 -0.89 0.22
C CYS A 131 -0.64 -2.26 0.65
N ASP A 132 -1.15 -2.32 1.88
CA ASP A 132 -1.67 -3.55 2.51
C ASP A 132 -2.90 -3.98 1.69
N LEU A 133 -3.75 -3.03 1.41
CA LEU A 133 -5.02 -3.32 0.71
C LEU A 133 -5.07 -2.46 -0.56
N ALA A 134 -5.92 -2.84 -1.52
CA ALA A 134 -5.99 -2.14 -2.81
C ALA A 134 -7.40 -2.28 -3.38
N PHE A 135 -7.91 -1.15 -3.83
CA PHE A 135 -9.28 -1.03 -4.37
C PHE A 135 -9.15 -0.31 -5.68
N ALA A 136 -9.82 -0.80 -6.74
CA ALA A 136 -9.65 -0.33 -8.12
C ALA A 136 -11.00 0.12 -8.66
N ALA A 137 -10.97 1.05 -9.62
CA ALA A 137 -12.10 1.37 -10.51
C ALA A 137 -12.14 0.30 -11.60
N ASP A 138 -13.33 -0.12 -11.99
CA ASP A 138 -13.50 -0.92 -13.22
C ASP A 138 -12.66 -0.30 -14.32
N GLU A 139 -12.56 1.03 -14.42
CA GLU A 139 -11.94 1.67 -15.61
C GLU A 139 -10.43 1.72 -15.43
N ALA A 140 -9.91 1.32 -14.29
CA ALA A 140 -8.44 1.27 -14.11
C ALA A 140 -7.86 0.25 -15.08
N GLN A 141 -6.60 0.43 -15.42
CA GLN A 141 -5.85 -0.48 -16.30
C GLN A 141 -4.49 -0.70 -15.66
N PHE A 142 -4.14 -1.96 -15.48
CA PHE A 142 -2.88 -2.38 -14.83
C PHE A 142 -2.04 -3.08 -15.89
N GLY A 143 -0.77 -2.68 -16.04
CA GLY A 143 0.13 -3.31 -16.99
C GLY A 143 1.57 -3.35 -16.49
N LEU A 144 2.22 -4.48 -16.71
CA LEU A 144 3.70 -4.59 -16.79
C LEU A 144 4.09 -4.27 -18.24
N SER A 145 4.10 -2.98 -18.53
CA SER A 145 4.34 -2.40 -19.86
C SER A 145 5.84 -2.47 -20.17
N GLU A 146 6.67 -2.86 -19.21
CA GLU A 146 8.14 -2.91 -19.37
C GLU A 146 8.52 -3.64 -20.67
N VAL A 147 7.95 -4.82 -20.97
CA VAL A 147 8.37 -5.63 -22.15
C VAL A 147 8.12 -4.78 -23.43
N ASN A 148 7.06 -3.96 -23.45
CA ASN A 148 6.71 -3.07 -24.59
C ASN A 148 7.71 -1.93 -24.82
N TRP A 149 8.61 -1.64 -23.87
CA TRP A 149 9.69 -0.66 -24.13
C TRP A 149 11.05 -1.34 -23.91
N GLY A 150 11.09 -2.68 -23.96
CA GLY A 150 12.31 -3.49 -24.15
C GLY A 150 13.06 -3.76 -22.87
N ILE A 151 12.48 -3.46 -21.71
CA ILE A 151 13.15 -3.76 -20.40
C ILE A 151 12.37 -4.87 -19.67
N LEU A 152 13.03 -5.55 -18.73
CA LEU A 152 12.28 -6.53 -17.90
C LEU A 152 11.63 -5.75 -16.75
N PRO A 153 10.57 -6.30 -16.09
CA PRO A 153 9.84 -5.59 -15.03
C PRO A 153 10.65 -5.56 -13.72
N GLY A 154 11.46 -4.51 -13.61
CA GLY A 154 12.29 -4.23 -12.42
C GLY A 154 11.52 -3.38 -11.41
N GLY A 155 12.27 -2.71 -10.53
CA GLY A 155 11.70 -2.10 -9.32
C GLY A 155 10.79 -3.10 -8.61
N GLY A 156 11.16 -4.39 -8.67
CA GLY A 156 10.46 -5.49 -8.01
C GLY A 156 9.20 -5.89 -8.73
N ALA A 157 8.82 -5.22 -9.80
CA ALA A 157 7.46 -5.40 -10.36
C ALA A 157 7.17 -6.89 -10.67
N THR A 158 8.16 -7.62 -11.20
CA THR A 158 8.03 -9.07 -11.53
C THR A 158 7.62 -9.83 -10.25
N LYS A 159 8.33 -9.59 -9.14
CA LYS A 159 8.07 -10.20 -7.83
C LYS A 159 6.67 -9.85 -7.30
N VAL A 160 6.24 -8.60 -7.49
CA VAL A 160 4.87 -8.17 -7.10
C VAL A 160 3.89 -9.08 -7.81
N ALA A 161 4.04 -9.23 -9.11
CA ALA A 161 3.12 -10.02 -9.96
C ALA A 161 3.10 -11.47 -9.47
N VAL A 162 4.27 -12.02 -9.17
CA VAL A 162 4.39 -13.42 -8.71
C VAL A 162 3.83 -13.59 -7.28
N ASP A 163 3.96 -12.59 -6.39
CA ASP A 163 3.55 -12.72 -4.97
C ASP A 163 2.04 -12.50 -4.87
N LEU A 164 1.41 -11.83 -5.82
CA LEU A 164 -0.04 -11.52 -5.72
C LEU A 164 -0.89 -12.44 -6.60
N MET A 165 -0.42 -12.76 -7.81
CA MET A 165 -1.24 -13.42 -8.85
C MET A 165 -0.77 -14.86 -9.07
N PRO A 166 -1.65 -15.71 -9.61
CA PRO A 166 -1.26 -17.07 -10.01
C PRO A 166 -0.11 -17.02 -11.04
N MET A 167 0.85 -17.95 -10.93
CA MET A 167 2.05 -17.99 -11.79
C MET A 167 1.65 -17.81 -13.26
N ARG A 168 0.66 -18.55 -13.75
CA ARG A 168 0.29 -18.44 -15.18
C ARG A 168 -0.03 -17.00 -15.53
N VAL A 169 -0.81 -16.36 -14.66
CA VAL A 169 -1.30 -14.96 -14.86
C VAL A 169 -0.11 -14.03 -14.83
N ALA A 170 0.79 -14.21 -13.86
CA ALA A 170 1.98 -13.34 -13.77
C ALA A 170 2.82 -13.48 -15.03
N MET A 171 2.97 -14.69 -15.57
CA MET A 171 3.83 -14.99 -16.73
C MET A 171 3.26 -14.27 -17.96
N TYR A 172 1.99 -14.46 -18.22
CA TYR A 172 1.30 -13.81 -19.34
C TYR A 172 1.45 -12.28 -19.21
N HIS A 173 1.23 -11.75 -18.00
CA HIS A 173 1.21 -10.30 -17.73
C HIS A 173 2.57 -9.68 -18.06
N ALA A 174 3.65 -10.31 -17.63
CA ALA A 174 5.01 -9.81 -17.84
C ALA A 174 5.48 -10.01 -19.30
N MET A 175 5.13 -11.11 -19.97
CA MET A 175 5.62 -11.45 -21.31
C MET A 175 4.84 -10.66 -22.38
N MET A 176 3.53 -10.51 -22.21
CA MET A 176 2.66 -10.01 -23.31
C MET A 176 2.46 -8.49 -23.20
N GLY A 177 2.73 -7.89 -22.04
CA GLY A 177 2.56 -6.45 -21.81
C GLY A 177 1.14 -6.00 -22.18
N GLU A 178 0.14 -6.83 -21.94
CA GLU A 178 -1.28 -6.45 -22.12
C GLU A 178 -1.83 -6.06 -20.75
N ASN A 179 -2.94 -5.31 -20.73
CA ASN A 179 -3.41 -4.60 -19.51
C ASN A 179 -4.53 -5.42 -18.89
N LEU A 180 -4.61 -5.43 -17.56
CA LEU A 180 -5.77 -5.98 -16.84
C LEU A 180 -6.66 -4.82 -16.48
N SER A 181 -7.97 -5.01 -16.72
CA SER A 181 -9.03 -4.14 -16.21
C SER A 181 -9.07 -4.22 -14.69
N GLY A 182 -9.73 -3.28 -14.02
CA GLY A 182 -9.97 -3.41 -12.58
C GLY A 182 -10.60 -4.74 -12.24
N GLN A 183 -11.65 -5.15 -12.96
CA GLN A 183 -12.36 -6.41 -12.63
C GLN A 183 -11.39 -7.61 -12.72
N ASP A 184 -10.58 -7.67 -13.76
CA ASP A 184 -9.56 -8.73 -13.93
C ASP A 184 -8.51 -8.64 -12.83
N ALA A 185 -8.09 -7.42 -12.47
CA ALA A 185 -7.09 -7.18 -11.39
C ALA A 185 -7.62 -7.73 -10.08
N ALA A 186 -8.92 -7.64 -9.84
CA ALA A 186 -9.56 -8.18 -8.61
C ALA A 186 -9.69 -9.71 -8.73
N ARG A 187 -10.16 -10.23 -9.87
CA ARG A 187 -10.32 -11.69 -10.09
C ARG A 187 -8.96 -12.38 -9.86
N TYR A 188 -7.86 -11.78 -10.24
CA TYR A 188 -6.53 -12.45 -10.13
C TYR A 188 -5.77 -11.96 -8.90
N ASN A 189 -6.42 -11.16 -8.04
CA ASN A 189 -5.93 -10.84 -6.67
C ASN A 189 -4.74 -9.88 -6.73
N LEU A 190 -4.61 -9.09 -7.80
CA LEU A 190 -3.72 -7.90 -7.82
C LEU A 190 -4.28 -6.87 -6.83
N VAL A 191 -5.61 -6.75 -6.75
CA VAL A 191 -6.28 -5.85 -5.79
C VAL A 191 -7.36 -6.66 -5.06
N ASN A 192 -7.95 -6.05 -4.02
CA ASN A 192 -9.00 -6.68 -3.21
C ASN A 192 -10.33 -6.64 -3.97
N GLU A 193 -10.64 -5.49 -4.56
CA GLU A 193 -11.99 -5.30 -5.18
C GLU A 193 -11.87 -4.33 -6.32
N SER A 194 -12.84 -4.38 -7.22
CA SER A 194 -13.03 -3.40 -8.30
C SER A 194 -14.50 -2.99 -8.28
N MET A 195 -14.75 -1.75 -8.63
CA MET A 195 -16.12 -1.15 -8.64
C MET A 195 -16.08 0.03 -9.61
N PRO A 196 -17.23 0.52 -10.05
CA PRO A 196 -17.24 1.75 -10.84
C PRO A 196 -16.47 2.89 -10.14
N ALA A 197 -15.75 3.70 -10.91
CA ALA A 197 -14.91 4.82 -10.44
C ALA A 197 -15.73 5.74 -9.52
N ASP A 198 -17.02 5.97 -9.81
CA ASP A 198 -17.86 6.92 -9.02
C ASP A 198 -18.17 6.32 -7.62
N GLN A 199 -17.95 5.02 -7.38
CA GLN A 199 -18.17 4.34 -6.06
C GLN A 199 -16.85 4.14 -5.29
N LEU A 200 -15.71 4.37 -5.92
CA LEU A 200 -14.40 3.92 -5.35
C LEU A 200 -14.05 4.69 -4.06
N LYS A 201 -14.04 6.02 -4.09
CA LYS A 201 -13.61 6.82 -2.90
C LYS A 201 -14.47 6.43 -1.69
N ALA A 202 -15.79 6.30 -1.84
CA ALA A 202 -16.67 6.01 -0.70
C ALA A 202 -16.32 4.65 -0.07
N ARG A 203 -16.03 3.64 -0.91
CA ARG A 203 -15.65 2.30 -0.44
C ARG A 203 -14.34 2.40 0.33
N VAL A 204 -13.38 3.13 -0.21
CA VAL A 204 -12.06 3.28 0.47
C VAL A 204 -12.27 4.00 1.81
N LYS A 205 -13.10 5.04 1.81
CA LYS A 205 -13.39 5.81 3.02
C LYS A 205 -14.00 4.86 4.06
N GLN A 206 -14.91 3.98 3.66
CA GLN A 206 -15.60 3.00 4.55
C GLN A 206 -14.58 2.01 5.14
N VAL A 207 -13.68 1.51 4.30
CA VAL A 207 -12.63 0.54 4.74
C VAL A 207 -11.73 1.23 5.76
N ALA A 208 -11.31 2.46 5.47
CA ALA A 208 -10.43 3.22 6.40
C ALA A 208 -11.14 3.42 7.75
N GLU A 209 -12.43 3.76 7.71
CA GLU A 209 -13.20 4.08 8.94
C GLU A 209 -13.33 2.79 9.77
N THR A 210 -13.46 1.61 9.14
CA THR A 210 -13.47 0.29 9.83
C THR A 210 -12.09 0.04 10.48
N LEU A 211 -10.99 0.25 9.77
CA LEU A 211 -9.66 0.00 10.39
C LEU A 211 -9.47 0.92 11.60
N ILE A 212 -10.00 2.14 11.53
CA ILE A 212 -9.75 3.18 12.57
C ILE A 212 -10.41 2.74 13.87
N GLN A 213 -11.50 1.98 13.76
CA GLN A 213 -12.28 1.43 14.90
C GLN A 213 -11.52 0.27 15.59
N LYS A 214 -10.55 -0.38 14.93
CA LYS A 214 -9.82 -1.54 15.51
C LYS A 214 -8.76 -0.98 16.42
N ASN A 215 -8.17 -1.84 17.24
CA ASN A 215 -6.96 -1.49 18.01
C ASN A 215 -5.81 -1.28 17.02
N TRP A 216 -5.22 -0.09 16.96
CA TRP A 216 -4.27 0.25 15.86
C TRP A 216 -3.01 -0.61 15.96
N ALA A 217 -2.57 -0.91 17.19
CA ALA A 217 -1.36 -1.73 17.46
C ALA A 217 -1.61 -3.15 16.94
N THR A 218 -2.81 -3.67 17.19
CA THR A 218 -3.25 -4.99 16.71
C THR A 218 -3.19 -4.99 15.19
N VAL A 219 -3.75 -3.97 14.50
CA VAL A 219 -3.72 -3.90 13.02
C VAL A 219 -2.27 -3.89 12.49
N LYS A 220 -1.36 -3.17 13.15
CA LYS A 220 0.03 -3.08 12.65
C LYS A 220 0.65 -4.49 12.77
N TYR A 221 0.52 -5.13 13.92
CA TYR A 221 1.16 -6.44 14.18
C TYR A 221 0.60 -7.48 13.22
N THR A 222 -0.68 -7.37 12.87
CA THR A 222 -1.38 -8.37 12.05
C THR A 222 -0.93 -8.24 10.61
N LYS A 223 -0.91 -7.01 10.10
CA LYS A 223 -0.61 -6.73 8.69
C LYS A 223 0.85 -7.12 8.45
N ASP A 224 1.72 -6.86 9.40
CA ASP A 224 3.12 -7.28 9.25
C ASP A 224 3.18 -8.82 9.27
N ALA A 225 2.41 -9.47 10.13
CA ALA A 225 2.41 -10.94 10.26
C ALA A 225 2.07 -11.54 8.91
N VAL A 226 0.99 -11.08 8.29
CA VAL A 226 0.61 -11.58 6.95
C VAL A 226 1.78 -11.49 5.97
N ARG A 227 2.52 -10.36 5.97
CA ARG A 227 3.56 -10.10 4.96
C ARG A 227 4.70 -11.07 5.28
N ARG A 228 5.02 -11.20 6.55
CA ARG A 228 6.22 -11.95 6.97
C ARG A 228 6.03 -13.47 6.86
N VAL A 229 4.85 -14.02 7.19
CA VAL A 229 4.72 -15.50 7.26
C VAL A 229 4.72 -16.12 5.84
N LYS A 230 4.61 -15.31 4.78
CA LYS A 230 4.76 -15.79 3.38
C LYS A 230 6.16 -16.37 3.20
N GLU A 231 7.14 -15.83 3.89
CA GLU A 231 8.56 -16.19 3.69
C GLU A 231 9.07 -17.08 4.81
N MET A 232 8.20 -17.93 5.36
CA MET A 232 8.54 -18.86 6.46
C MET A 232 7.87 -20.19 6.17
N THR A 233 8.46 -21.27 6.67
CA THR A 233 7.75 -22.58 6.73
C THR A 233 6.59 -22.49 7.73
N TYR A 234 5.56 -23.29 7.53
CA TYR A 234 4.41 -23.40 8.47
C TYR A 234 4.89 -23.48 9.92
N ASP A 235 5.85 -24.36 10.19
CA ASP A 235 6.26 -24.70 11.56
C ASP A 235 7.01 -23.50 12.14
N ASN A 236 7.88 -22.83 11.37
CA ASN A 236 8.58 -21.59 11.82
C ASN A 236 7.57 -20.46 12.05
N ALA A 237 6.54 -20.35 11.21
CA ALA A 237 5.52 -19.31 11.31
C ALA A 237 4.71 -19.51 12.59
N GLU A 238 4.44 -20.75 13.00
CA GLU A 238 3.71 -21.03 14.26
C GLU A 238 4.40 -20.38 15.45
N ASP A 239 5.71 -20.59 15.61
CA ASP A 239 6.49 -20.00 16.73
C ASP A 239 6.58 -18.48 16.58
N TYR A 240 6.83 -18.00 15.37
CA TYR A 240 6.94 -16.57 15.04
C TYR A 240 5.69 -15.84 15.52
N LEU A 241 4.50 -16.37 15.21
CA LEU A 241 3.26 -15.68 15.60
C LEU A 241 3.12 -15.55 17.15
N ILE A 242 3.65 -16.50 17.92
CA ILE A 242 3.67 -16.45 19.40
C ILE A 242 4.58 -15.29 19.82
N ARG A 243 5.82 -15.25 19.30
CA ARG A 243 6.79 -14.15 19.53
C ARG A 243 6.11 -12.81 19.22
N LEU A 244 5.40 -12.68 18.10
CA LEU A 244 4.75 -11.40 17.73
C LEU A 244 3.71 -11.01 18.81
N GLN A 245 2.87 -11.93 19.26
CA GLN A 245 1.85 -11.57 20.28
C GLN A 245 2.56 -11.08 21.53
N GLU A 246 3.71 -11.63 21.90
CA GLU A 246 4.41 -11.14 23.10
C GLU A 246 4.79 -9.66 22.91
N GLY A 247 5.26 -9.30 21.72
CA GLY A 247 5.54 -7.91 21.35
C GLY A 247 4.28 -7.07 21.41
N LEU A 248 3.17 -7.52 20.80
CA LEU A 248 1.95 -6.70 20.84
C LEU A 248 1.55 -6.46 22.32
N ASN A 249 1.65 -7.46 23.19
CA ASN A 249 1.36 -7.33 24.64
C ASN A 249 2.13 -6.12 25.19
N TRP A 250 3.38 -5.91 24.80
CA TRP A 250 4.19 -4.77 25.32
C TRP A 250 3.69 -3.47 24.70
N PHE A 251 3.45 -3.47 23.42
CA PHE A 251 3.19 -2.26 22.63
C PHE A 251 1.81 -1.71 23.03
N ASP A 252 0.83 -2.58 23.23
CA ASP A 252 -0.58 -2.18 23.49
C ASP A 252 -0.80 -1.85 24.97
N LYS A 253 -0.51 -0.60 25.37
CA LYS A 253 -0.74 -0.05 26.74
C LYS A 253 -2.24 -0.15 27.10
N SER A 254 -3.16 -0.05 26.13
CA SER A 254 -4.64 -0.12 26.33
C SER A 254 -5.03 -1.53 26.85
N ASP A 255 -4.12 -2.50 26.77
CA ASP A 255 -4.33 -3.92 27.18
C ASP A 255 -5.66 -4.43 26.57
N GLY A 256 -5.82 -4.19 25.26
CA GLY A 256 -7.07 -4.38 24.49
C GLY A 256 -7.57 -5.82 24.54
N ARG A 257 -6.68 -6.83 24.65
CA ARG A 257 -7.14 -8.26 24.65
C ARG A 257 -7.95 -8.54 25.93
N HIS A 258 -7.50 -8.02 27.08
CA HIS A 258 -8.21 -8.14 28.38
C HIS A 258 -9.50 -7.29 28.38
N VAL A 259 -9.46 -6.08 27.81
CA VAL A 259 -10.66 -5.22 27.62
C VAL A 259 -11.71 -6.03 26.85
N ALA A 260 -11.31 -6.65 25.73
CA ALA A 260 -12.22 -7.37 24.82
C ALA A 260 -12.77 -8.62 25.53
N MET A 261 -11.91 -9.34 26.27
CA MET A 261 -12.29 -10.58 27.00
C MET A 261 -13.40 -10.26 28.01
N LYS A 262 -13.24 -9.17 28.77
CA LYS A 262 -14.28 -8.71 29.71
C LYS A 262 -15.58 -8.43 28.95
N GLN A 263 -15.53 -7.76 27.80
CA GLN A 263 -16.77 -7.36 27.08
C GLN A 263 -17.49 -8.60 26.56
N PHE A 264 -16.75 -9.67 26.24
CA PHE A 264 -17.32 -10.90 25.63
C PHE A 264 -17.77 -11.88 26.73
N LEU A 265 -16.87 -12.23 27.65
CA LEU A 265 -17.08 -13.27 28.71
C LEU A 265 -18.00 -12.75 29.84
N ASP A 266 -17.71 -11.55 30.38
CA ASP A 266 -18.33 -10.99 31.60
C ASP A 266 -19.55 -10.12 31.20
N ASP A 267 -19.37 -9.09 30.35
CA ASP A 267 -20.42 -8.09 30.03
C ASP A 267 -21.40 -8.66 29.00
N LYS A 268 -20.94 -9.56 28.12
CA LYS A 268 -21.66 -10.06 26.92
C LYS A 268 -22.27 -8.92 26.10
N THR A 269 -21.50 -7.87 25.80
CA THR A 269 -21.98 -6.70 24.99
C THR A 269 -21.55 -6.85 23.53
N PHE A 270 -20.57 -7.73 23.22
CA PHE A 270 -20.26 -8.04 21.80
C PHE A 270 -19.82 -9.50 21.63
N LYS A 271 -19.84 -9.93 20.37
CA LYS A 271 -19.38 -11.26 19.87
C LYS A 271 -18.27 -11.03 18.84
N PRO A 272 -16.98 -11.34 19.15
CA PRO A 272 -15.90 -11.00 18.22
C PRO A 272 -16.04 -11.62 16.83
N GLY A 273 -16.69 -12.79 16.70
CA GLY A 273 -17.01 -13.38 15.39
C GLY A 273 -17.86 -12.43 14.55
N LEU A 274 -18.54 -11.46 15.16
CA LEU A 274 -19.56 -10.64 14.45
C LEU A 274 -19.22 -9.14 14.42
N GLY A 275 -18.21 -8.69 15.17
CA GLY A 275 -17.85 -7.26 15.23
C GLY A 275 -16.71 -6.98 16.19
N HIS A 276 -16.13 -5.78 16.10
CA HIS A 276 -14.99 -5.29 16.93
C HIS A 276 -15.47 -5.00 18.36
N TYR A 277 -14.61 -5.26 19.34
CA TYR A 277 -14.79 -4.79 20.73
C TYR A 277 -14.79 -3.26 20.76
N ASP A 278 -15.40 -2.69 21.80
CA ASP A 278 -15.50 -1.23 22.06
C ASP A 278 -14.22 -0.78 22.77
N LYS A 279 -13.30 -0.15 22.04
CA LYS A 279 -11.98 0.22 22.61
C LYS A 279 -12.12 1.57 23.35
N THR A 280 -13.31 2.19 23.36
CA THR A 280 -13.68 3.33 24.25
C THR A 280 -13.47 2.88 25.70
N LYS A 281 -14.08 1.74 26.07
CA LYS A 281 -14.00 1.13 27.42
C LYS A 281 -12.56 0.67 27.71
N THR A 282 -12.16 0.73 28.99
CA THR A 282 -10.77 0.51 29.48
C THR A 282 -10.71 -0.48 30.66
N GLU A 283 -11.85 -1.05 31.11
CA GLU A 283 -11.89 -1.95 32.30
C GLU A 283 -11.61 -3.40 31.84
N VAL A 284 -10.84 -4.17 32.64
CA VAL A 284 -10.23 -5.50 32.27
C VAL A 284 -10.79 -6.65 33.14
N1A ACO B . 7.49 8.77 -17.87
C2A ACO B . 7.55 10.05 -18.24
N3A ACO B . 6.61 10.82 -18.77
C4A ACO B . 5.47 10.15 -18.90
C5A ACO B . 5.24 8.85 -18.55
C6A ACO B . 6.31 8.12 -18.00
N6A ACO B . 6.21 6.87 -17.59
N7A ACO B . 3.93 8.51 -18.85
C8A ACO B . 3.40 9.60 -19.35
N9A ACO B . 4.27 10.63 -19.38
C1B ACO B . 4.01 11.96 -19.94
C2B ACO B . 4.03 11.98 -21.46
O2B ACO B . 5.34 11.99 -21.98
C3B ACO B . 3.28 13.27 -21.74
O3B ACO B . 4.21 14.33 -21.54
P3B ACO B . 4.06 15.67 -22.46
O7A ACO B . 2.60 15.92 -22.70
O8A ACO B . 4.82 15.44 -23.72
O9A ACO B . 4.69 16.69 -21.55
C4B ACO B . 2.19 13.23 -20.66
O4B ACO B . 2.70 12.36 -19.61
C5B ACO B . 0.85 12.72 -21.12
O5B ACO B . 1.07 11.38 -21.62
P1A ACO B . 0.26 10.74 -22.81
O1A ACO B . -0.22 11.75 -23.80
O2A ACO B . 1.04 9.60 -23.38
O3A ACO B . -1.04 10.31 -22.00
P2A ACO B . -2.38 9.51 -22.34
O4A ACO B . -2.67 9.44 -23.80
O5A ACO B . -3.49 9.76 -21.35
O6A ACO B . -1.94 8.01 -22.00
CBP ACO B . -0.27 6.62 -21.26
CCP ACO B . -1.22 7.71 -20.80
CDP ACO B . -1.03 5.27 -21.29
CEP ACO B . 0.24 6.97 -22.66
CAP ACO B . 0.94 6.54 -20.39
OAP ACO B . 0.35 5.99 -19.21
C9P ACO B . 2.10 5.72 -20.98
O9P ACO B . 1.96 4.85 -21.84
N8P ACO B . 3.28 6.06 -20.54
C7P ACO B . 4.27 5.09 -20.13
C6P ACO B . 3.63 4.07 -19.23
C5P ACO B . 4.35 2.78 -19.53
O5P ACO B . 4.03 2.07 -20.47
N4P ACO B . 5.34 2.44 -18.73
C3P ACO B . 5.35 2.66 -17.31
C2P ACO B . 6.69 3.14 -16.92
S1P ACO B . 7.75 1.70 -17.10
C ACO B . 8.60 1.81 -15.69
O ACO B . 8.03 1.96 -14.64
CH3 ACO B . 10.00 1.75 -15.90
#